data_4KQF
#
_entry.id   4KQF
#
_cell.length_a   71.488
_cell.length_b   89.059
_cell.length_c   46.759
_cell.angle_alpha   90.00
_cell.angle_beta   90.00
_cell.angle_gamma   90.00
#
_symmetry.space_group_name_H-M   'P 21 21 2'
#
loop_
_entity.id
_entity.type
_entity.pdbx_description
1 polymer 'Nicotinate-nucleotide--dimethylbenzimidazole phosphoribosyltransferase'
2 non-polymer 'SULFATE ION'
3 non-polymer 1,2-ETHANEDIOL
4 non-polymer ADENINE
5 water water
#
_entity_poly.entity_id   1
_entity_poly.type   'polypeptide(L)'
_entity_poly.pdbx_seq_one_letter_code
;MQTLHALLRDIPAPDAEAMARAQQHIDGLLKPPGSLGRLETLAVQLAGMPGLNGTPQVGEKAVLVMCADHGVWDEGVAVS
PKIVTAIQAANMTRGTTGVCVLAAQAGAKVHVIDVGIDAEPIPGVVNMRVARGCGNIAVGPAMSRLQAEALLLEVSRYTC
DLAQRGVTLFGVGALGMANTTPAAAMVSVFTGSDAKEVVGIGANLPPSRIDNKVDVVRRAIAINQPNPRDGIDVLSKVGG
FDLVGMTGVMLGAARCGLPVLLDGFLSYSAALAACQIAPAVRPYLIPSHFSAEKGARIALAHLSMEPYLHMAMRLGEGSG
AALAMPIVEAACAMFHNMGELAASNIVLPEGNANAT
;
_entity_poly.pdbx_strand_id   A
#
# COMPACT_ATOMS: atom_id res chain seq x y z
N THR A 3 16.80 -5.44 13.75
CA THR A 3 16.27 -4.36 14.63
C THR A 3 14.72 -4.11 14.45
N LEU A 4 13.94 -5.16 14.23
CA LEU A 4 12.50 -4.93 13.92
C LEU A 4 11.69 -4.35 15.10
N HIS A 5 11.93 -4.91 16.29
CA HIS A 5 11.30 -4.43 17.51
C HIS A 5 11.59 -2.95 17.69
N ALA A 6 12.84 -2.54 17.52
CA ALA A 6 13.23 -1.11 17.67
C ALA A 6 12.50 -0.29 16.61
N LEU A 7 12.50 -0.78 15.36
CA LEU A 7 11.80 -0.07 14.29
C LEU A 7 10.36 0.24 14.69
N LEU A 8 9.60 -0.78 15.04
CA LEU A 8 8.19 -0.58 15.40
C LEU A 8 8.02 0.37 16.57
N ARG A 9 8.88 0.20 17.60
CA ARG A 9 8.84 0.98 18.85
C ARG A 9 9.02 2.45 18.55
N ASP A 10 9.90 2.72 17.61
CA ASP A 10 10.32 4.13 17.34
C ASP A 10 9.53 4.87 16.22
N ILE A 11 8.43 4.30 15.73
CA ILE A 11 7.58 5.06 14.81
C ILE A 11 7.02 6.25 15.56
N PRO A 12 7.19 7.49 15.02
CA PRO A 12 6.76 8.61 15.82
C PRO A 12 5.28 8.81 15.84
N ALA A 13 4.78 9.42 16.92
CA ALA A 13 3.38 9.83 17.00
C ALA A 13 3.22 11.08 16.03
N PRO A 14 1.99 11.31 15.53
CA PRO A 14 1.78 12.55 14.82
C PRO A 14 1.95 13.73 15.73
N ASP A 15 2.32 14.84 15.12
CA ASP A 15 2.66 16.05 15.88
C ASP A 15 1.40 16.91 16.05
N ALA A 16 0.79 16.84 17.22
CA ALA A 16 -0.47 17.53 17.43
C ALA A 16 -0.25 19.03 17.30
N GLU A 17 0.86 19.52 17.82
CA GLU A 17 1.09 20.99 17.72
C GLU A 17 1.07 21.51 16.26
N ALA A 18 1.82 20.85 15.38
CA ALA A 18 1.87 21.20 13.96
C ALA A 18 0.49 21.10 13.31
N MET A 19 -0.31 20.12 13.73
CA MET A 19 -1.65 19.96 13.19
C MET A 19 -2.55 21.12 13.63
N ALA A 20 -2.40 21.57 14.88
CA ALA A 20 -3.25 22.70 15.34
C ALA A 20 -2.88 24.00 14.58
N ARG A 21 -1.59 24.22 14.34
CA ARG A 21 -1.10 25.36 13.64
C ARG A 21 -1.63 25.29 12.19
N ALA A 22 -1.65 24.07 11.64
CA ALA A 22 -2.14 23.92 10.27
C ALA A 22 -3.63 24.23 10.17
N GLN A 23 -4.42 23.69 11.10
CA GLN A 23 -5.88 23.94 11.09
C GLN A 23 -6.18 25.43 11.16
N GLN A 24 -5.50 26.04 12.08
CA GLN A 24 -5.61 27.50 12.24
C GLN A 24 -5.32 28.25 10.94
N HIS A 25 -4.25 27.87 10.24
CA HIS A 25 -3.95 28.54 8.97
C HIS A 25 -5.03 28.34 7.88
N ILE A 26 -5.55 27.12 7.81
CA ILE A 26 -6.54 26.74 6.81
C ILE A 26 -7.82 27.49 7.06
N ASP A 27 -8.16 27.65 8.33
CA ASP A 27 -9.46 28.29 8.59
C ASP A 27 -9.50 29.73 8.15
N GLY A 28 -8.34 30.38 8.32
CA GLY A 28 -8.05 31.76 7.86
C GLY A 28 -7.83 32.01 6.38
N LEU A 29 -7.85 30.97 5.53
CA LEU A 29 -7.68 31.17 4.10
C LEU A 29 -8.95 31.76 3.42
N LEU A 30 -8.79 32.17 2.15
CA LEU A 30 -9.83 32.89 1.40
C LEU A 30 -10.91 32.02 0.87
N LYS A 31 -11.80 31.54 1.73
CA LYS A 31 -12.84 30.63 1.35
C LYS A 31 -13.78 30.45 2.54
N PRO A 32 -15.05 30.00 2.33
CA PRO A 32 -15.83 29.64 3.54
C PRO A 32 -15.08 28.54 4.30
N PRO A 33 -15.01 28.65 5.65
CA PRO A 33 -14.39 27.60 6.44
C PRO A 33 -14.97 26.19 6.11
N GLY A 34 -14.08 25.23 5.86
CA GLY A 34 -14.49 23.85 5.62
C GLY A 34 -14.86 23.52 4.18
N SER A 35 -14.90 24.56 3.32
CA SER A 35 -15.41 24.40 1.94
C SER A 35 -14.52 23.57 1.08
N LEU A 36 -13.19 23.52 1.35
CA LEU A 36 -12.35 22.61 0.55
C LEU A 36 -12.31 21.19 1.07
N GLY A 37 -13.21 20.94 2.01
CA GLY A 37 -13.44 19.57 2.51
C GLY A 37 -12.19 18.76 2.81
N ARG A 38 -12.10 17.58 2.17
CA ARG A 38 -11.02 16.66 2.49
C ARG A 38 -9.65 17.12 2.03
N LEU A 39 -9.56 18.12 1.14
CA LEU A 39 -8.25 18.77 0.94
C LEU A 39 -7.75 19.36 2.24
N GLU A 40 -8.69 19.87 3.05
CA GLU A 40 -8.34 20.48 4.35
C GLU A 40 -7.88 19.47 5.33
N THR A 41 -8.67 18.41 5.48
CA THR A 41 -8.29 17.40 6.43
C THR A 41 -6.95 16.72 5.97
N LEU A 42 -6.78 16.51 4.67
CA LEU A 42 -5.53 15.92 4.19
C LEU A 42 -4.33 16.83 4.52
N ALA A 43 -4.51 18.15 4.35
CA ALA A 43 -3.40 19.07 4.62
C ALA A 43 -2.97 19.00 6.11
N VAL A 44 -3.96 18.90 7.01
CA VAL A 44 -3.65 18.81 8.45
C VAL A 44 -3.00 17.44 8.77
N GLN A 45 -3.54 16.38 8.19
CA GLN A 45 -2.93 15.04 8.40
C GLN A 45 -1.44 15.08 8.00
N LEU A 46 -1.16 15.63 6.83
CA LEU A 46 0.24 15.75 6.36
C LEU A 46 1.12 16.60 7.33
N ALA A 47 0.54 17.70 7.81
CA ALA A 47 1.28 18.63 8.72
C ALA A 47 1.73 17.89 9.98
N GLY A 48 0.91 16.93 10.39
CA GLY A 48 1.21 16.07 11.55
C GLY A 48 2.32 15.05 11.39
N MET A 49 2.80 14.81 10.17
CA MET A 49 3.78 13.71 9.91
C MET A 49 5.18 14.31 10.08
N PRO A 50 5.90 13.86 11.11
CA PRO A 50 7.16 14.57 11.49
C PRO A 50 8.19 14.65 10.38
N GLY A 51 8.15 13.75 9.40
CA GLY A 51 9.20 13.86 8.35
C GLY A 51 8.89 15.02 7.39
N LEU A 52 7.69 15.59 7.46
CA LEU A 52 7.34 16.78 6.62
C LEU A 52 7.64 18.10 7.32
N ASN A 53 8.28 18.04 8.49
CA ASN A 53 8.85 19.28 8.97
C ASN A 53 7.75 20.35 9.28
N GLY A 54 6.64 19.89 9.86
CA GLY A 54 5.67 20.80 10.45
C GLY A 54 4.73 21.48 9.49
N THR A 55 4.68 21.00 8.23
CA THR A 55 3.94 21.66 7.19
C THR A 55 3.48 20.71 6.08
N PRO A 56 2.30 20.88 5.46
CA PRO A 56 2.03 19.98 4.32
C PRO A 56 2.99 20.30 3.20
N GLN A 57 3.80 19.37 2.74
CA GLN A 57 4.60 19.65 1.58
C GLN A 57 4.93 18.33 0.87
N VAL A 58 5.30 18.43 -0.40
CA VAL A 58 5.77 17.26 -1.19
C VAL A 58 7.08 17.64 -1.85
N GLY A 59 8.15 16.93 -1.58
CA GLY A 59 9.36 17.09 -2.40
C GLY A 59 9.41 16.06 -3.51
N GLU A 60 10.30 15.08 -3.35
CA GLU A 60 10.38 14.00 -4.36
C GLU A 60 9.37 12.92 -4.04
N LYS A 61 8.95 12.18 -5.07
CA LYS A 61 7.89 11.15 -4.89
C LYS A 61 8.40 9.83 -5.40
N ALA A 62 8.07 8.75 -4.73
CA ALA A 62 8.55 7.42 -5.16
C ALA A 62 7.42 6.38 -5.06
N VAL A 63 7.18 5.62 -6.11
CA VAL A 63 6.27 4.49 -6.05
C VAL A 63 7.05 3.18 -5.99
N LEU A 64 6.87 2.41 -4.93
CA LEU A 64 7.69 1.16 -4.80
C LEU A 64 6.83 0.02 -5.20
N VAL A 65 7.26 -0.72 -6.23
CA VAL A 65 6.39 -1.76 -6.79
C VAL A 65 7.03 -3.09 -6.41
N MET A 66 6.34 -3.90 -5.64
CA MET A 66 6.91 -5.08 -5.03
C MET A 66 6.48 -6.28 -5.84
N CYS A 67 7.45 -7.05 -6.36
CA CYS A 67 7.17 -8.10 -7.34
C CYS A 67 7.58 -9.46 -6.83
N ALA A 68 6.66 -10.44 -6.96
CA ALA A 68 7.00 -11.80 -6.55
C ALA A 68 5.99 -12.77 -7.12
N ASP A 69 6.37 -14.05 -7.16
CA ASP A 69 5.45 -15.08 -7.61
C ASP A 69 4.95 -15.91 -6.44
N HIS A 70 3.91 -16.70 -6.66
CA HIS A 70 3.25 -17.34 -5.53
C HIS A 70 2.96 -18.80 -5.89
N GLY A 71 3.28 -19.74 -5.02
CA GLY A 71 3.04 -21.14 -5.35
C GLY A 71 1.57 -21.48 -5.51
N VAL A 72 0.71 -20.67 -4.87
CA VAL A 72 -0.76 -20.87 -5.02
C VAL A 72 -1.26 -20.71 -6.48
N TRP A 73 -0.45 -20.11 -7.36
CA TRP A 73 -0.75 -20.10 -8.82
C TRP A 73 -1.07 -21.54 -9.31
N ASP A 74 -0.44 -22.53 -8.71
CA ASP A 74 -0.61 -23.92 -9.15
C ASP A 74 -2.05 -24.42 -8.85
N GLU A 75 -2.81 -23.72 -7.99
CA GLU A 75 -4.18 -24.13 -7.65
C GLU A 75 -5.20 -23.67 -8.71
N GLY A 76 -4.70 -23.01 -9.77
CA GLY A 76 -5.52 -22.54 -10.91
C GLY A 76 -6.45 -21.37 -10.52
N VAL A 77 -5.98 -20.54 -9.55
CA VAL A 77 -6.67 -19.32 -9.13
C VAL A 77 -6.36 -18.05 -9.99
N ALA A 78 -5.48 -18.18 -11.00
CA ALA A 78 -5.09 -17.01 -11.81
C ALA A 78 -5.06 -17.44 -13.28
N VAL A 79 -5.78 -16.74 -14.14
CA VAL A 79 -5.67 -17.09 -15.58
C VAL A 79 -4.47 -16.50 -16.26
N SER A 80 -3.80 -15.48 -15.68
CA SER A 80 -2.53 -15.02 -16.32
C SER A 80 -1.39 -16.05 -16.13
N PRO A 81 -0.65 -16.41 -17.22
CA PRO A 81 0.47 -17.36 -17.06
C PRO A 81 1.51 -16.83 -16.07
N LYS A 82 2.18 -17.72 -15.36
CA LYS A 82 3.08 -17.30 -14.23
C LYS A 82 4.14 -16.34 -14.71
N ILE A 83 4.64 -16.54 -15.91
CA ILE A 83 5.78 -15.76 -16.35
C ILE A 83 5.45 -14.30 -16.56
N VAL A 84 4.15 -13.96 -16.59
CA VAL A 84 3.77 -12.54 -16.71
C VAL A 84 4.40 -11.67 -15.59
N THR A 85 4.58 -12.23 -14.39
CA THR A 85 5.23 -11.42 -13.31
C THR A 85 6.60 -10.93 -13.78
N ALA A 86 7.42 -11.85 -14.28
CA ALA A 86 8.78 -11.53 -14.74
C ALA A 86 8.77 -10.65 -15.97
N ILE A 87 7.88 -10.93 -16.91
CA ILE A 87 7.84 -10.08 -18.11
C ILE A 87 7.51 -8.63 -17.73
N GLN A 88 6.45 -8.48 -16.93
CA GLN A 88 6.02 -7.16 -16.53
C GLN A 88 7.03 -6.44 -15.63
N ALA A 89 7.74 -7.19 -14.80
CA ALA A 89 8.77 -6.57 -13.97
C ALA A 89 9.86 -5.95 -14.85
N ALA A 90 10.22 -6.68 -15.90
CA ALA A 90 11.15 -6.14 -16.91
C ALA A 90 10.53 -4.94 -17.65
N ASN A 91 9.25 -5.02 -17.99
CA ASN A 91 8.62 -3.84 -18.57
C ASN A 91 8.70 -2.63 -17.68
N MET A 92 8.67 -2.83 -16.36
CA MET A 92 8.80 -1.70 -15.44
C MET A 92 10.13 -0.95 -15.66
N THR A 93 11.20 -1.65 -16.06
CA THR A 93 12.50 -0.99 -16.18
C THR A 93 12.51 -0.17 -17.48
N ARG A 94 11.54 -0.38 -18.38
CA ARG A 94 11.44 0.34 -19.66
C ARG A 94 10.37 1.40 -19.69
N GLY A 95 9.61 1.55 -18.60
CA GLY A 95 8.68 2.67 -18.48
C GLY A 95 7.38 2.49 -19.22
N THR A 96 7.01 1.26 -19.56
CA THR A 96 5.82 1.05 -20.45
C THR A 96 4.59 0.52 -19.73
N THR A 97 4.70 0.26 -18.43
CA THR A 97 3.55 -0.23 -17.65
C THR A 97 2.66 0.92 -17.21
N GLY A 98 1.49 0.57 -16.71
CA GLY A 98 0.55 1.57 -16.18
C GLY A 98 1.15 2.43 -15.10
N VAL A 99 1.74 1.78 -14.09
CA VAL A 99 2.30 2.54 -12.96
C VAL A 99 3.46 3.41 -13.45
N CYS A 100 4.30 2.90 -14.39
CA CYS A 100 5.35 3.80 -14.95
C CYS A 100 4.79 5.05 -15.58
N VAL A 101 3.79 4.85 -16.40
CA VAL A 101 3.17 6.01 -17.12
C VAL A 101 2.51 7.00 -16.15
N LEU A 102 1.80 6.49 -15.16
CA LEU A 102 1.10 7.37 -14.22
C LEU A 102 2.05 8.01 -13.24
N ALA A 103 3.09 7.27 -12.79
CA ALA A 103 4.15 7.86 -11.99
C ALA A 103 4.84 9.00 -12.73
N ALA A 104 5.24 8.79 -14.00
CA ALA A 104 5.80 9.88 -14.83
C ALA A 104 4.89 11.09 -14.88
N GLN A 105 3.59 10.86 -15.09
CA GLN A 105 2.63 11.98 -15.10
C GLN A 105 2.65 12.76 -13.81
N ALA A 106 2.82 12.04 -12.71
CA ALA A 106 2.83 12.69 -11.40
C ALA A 106 4.20 13.17 -10.99
N GLY A 107 5.21 12.99 -11.87
CA GLY A 107 6.56 13.40 -11.50
C GLY A 107 7.17 12.54 -10.40
N ALA A 108 6.76 11.25 -10.33
CA ALA A 108 7.29 10.33 -9.29
C ALA A 108 8.26 9.40 -10.00
N LYS A 109 9.21 8.82 -9.28
CA LYS A 109 10.06 7.76 -9.80
C LYS A 109 9.50 6.42 -9.33
N VAL A 110 9.64 5.40 -10.18
CA VAL A 110 9.20 4.05 -9.82
C VAL A 110 10.42 3.26 -9.38
N HIS A 111 10.32 2.59 -8.26
CA HIS A 111 11.31 1.66 -7.78
C HIS A 111 10.76 0.25 -7.88
N VAL A 112 11.33 -0.58 -8.77
CA VAL A 112 10.80 -1.91 -8.99
C VAL A 112 11.62 -2.84 -8.11
N ILE A 113 10.97 -3.56 -7.22
CA ILE A 113 11.75 -4.38 -6.29
C ILE A 113 11.31 -5.84 -6.38
N ASP A 114 12.27 -6.73 -6.70
CA ASP A 114 11.97 -8.13 -6.87
C ASP A 114 12.16 -8.70 -5.48
N VAL A 115 11.07 -9.10 -4.82
CA VAL A 115 11.14 -9.74 -3.54
C VAL A 115 10.91 -11.28 -3.61
N GLY A 116 10.83 -11.84 -4.81
CA GLY A 116 10.65 -13.28 -4.92
C GLY A 116 10.00 -13.75 -6.22
N ILE A 117 10.42 -13.17 -7.36
CA ILE A 117 9.96 -13.59 -8.71
C ILE A 117 10.58 -14.98 -9.06
N ASP A 118 9.79 -15.88 -9.66
CA ASP A 118 10.21 -17.24 -9.92
C ASP A 118 10.76 -17.25 -11.36
N ALA A 119 11.91 -16.61 -11.52
CA ALA A 119 12.56 -16.48 -12.80
C ALA A 119 13.98 -15.99 -12.51
N GLU A 120 14.84 -16.00 -13.51
CA GLU A 120 16.15 -15.40 -13.31
C GLU A 120 16.01 -13.93 -12.92
N PRO A 121 17.00 -13.40 -12.16
CA PRO A 121 17.07 -11.99 -11.78
C PRO A 121 16.96 -11.09 -13.02
N ILE A 122 16.25 -10.01 -12.91
CA ILE A 122 16.06 -9.06 -14.04
C ILE A 122 17.02 -7.88 -13.90
N PRO A 123 17.93 -7.73 -14.84
CA PRO A 123 18.92 -6.65 -14.62
C PRO A 123 18.18 -5.33 -14.52
N GLY A 124 18.56 -4.44 -13.63
CA GLY A 124 17.80 -3.21 -13.56
C GLY A 124 16.79 -3.15 -12.42
N VAL A 125 16.44 -4.30 -11.88
CA VAL A 125 15.42 -4.39 -10.83
C VAL A 125 16.15 -4.51 -9.50
N VAL A 126 15.65 -3.85 -8.45
CA VAL A 126 16.25 -3.98 -7.13
C VAL A 126 16.05 -5.44 -6.64
N ASN A 127 17.13 -6.08 -6.19
CA ASN A 127 17.08 -7.51 -5.87
C ASN A 127 16.99 -7.60 -4.37
N MET A 128 15.82 -7.96 -3.89
CA MET A 128 15.65 -8.38 -2.49
C MET A 128 14.93 -9.72 -2.44
N ARG A 129 15.29 -10.63 -3.35
CA ARG A 129 14.46 -11.83 -3.54
C ARG A 129 14.57 -12.77 -2.37
N VAL A 130 13.45 -13.16 -1.79
CA VAL A 130 13.50 -14.14 -0.67
C VAL A 130 13.68 -15.56 -1.23
N ALA A 131 12.90 -15.93 -2.23
CA ALA A 131 13.00 -17.27 -2.85
C ALA A 131 12.43 -17.12 -4.23
N ARG A 132 12.50 -18.15 -5.08
CA ARG A 132 11.91 -18.02 -6.39
C ARG A 132 10.45 -18.39 -6.29
N GLY A 133 9.62 -17.43 -5.94
CA GLY A 133 8.22 -17.69 -5.52
C GLY A 133 8.09 -18.11 -4.06
N CYS A 134 6.96 -17.76 -3.41
CA CYS A 134 6.68 -18.27 -2.08
C CYS A 134 5.98 -19.62 -2.08
N GLY A 135 5.83 -20.23 -0.90
CA GLY A 135 5.23 -21.54 -0.84
C GLY A 135 3.73 -21.39 -1.22
N ASN A 136 3.13 -22.53 -1.61
CA ASN A 136 1.73 -22.57 -1.99
C ASN A 136 0.95 -22.52 -0.70
N ILE A 137 0.23 -21.42 -0.48
CA ILE A 137 -0.49 -21.21 0.78
C ILE A 137 -1.65 -22.21 0.94
N ALA A 138 -2.09 -22.84 -0.11
CA ALA A 138 -3.16 -23.86 0.00
C ALA A 138 -2.72 -25.16 0.77
N VAL A 139 -1.40 -25.41 0.86
CA VAL A 139 -0.89 -26.63 1.50
C VAL A 139 0.07 -26.36 2.63
N GLY A 140 0.38 -25.12 2.91
CA GLY A 140 1.37 -24.88 3.97
C GLY A 140 1.68 -23.39 3.93
N PRO A 141 2.73 -22.94 4.67
CA PRO A 141 2.94 -21.49 4.70
C PRO A 141 3.58 -20.89 3.44
N ALA A 142 3.34 -19.59 3.21
CA ALA A 142 4.06 -18.88 2.14
C ALA A 142 5.57 -18.81 2.44
N MET A 143 5.94 -18.62 3.69
CA MET A 143 7.37 -18.47 4.07
C MET A 143 7.56 -18.68 5.57
N SER A 144 8.80 -18.70 6.05
CA SER A 144 9.00 -18.76 7.48
C SER A 144 8.85 -17.36 8.09
N ARG A 145 8.60 -17.33 9.38
CA ARG A 145 8.53 -16.02 10.07
C ARG A 145 9.81 -15.22 9.94
N LEU A 146 10.94 -15.93 10.01
CA LEU A 146 12.25 -15.29 9.86
C LEU A 146 12.34 -14.64 8.52
N GLN A 147 11.85 -15.32 7.50
CA GLN A 147 11.93 -14.71 6.18
C GLN A 147 11.05 -13.41 6.10
N ALA A 148 9.87 -13.45 6.70
CA ALA A 148 8.92 -12.33 6.59
C ALA A 148 9.52 -11.19 7.37
N GLU A 149 10.04 -11.48 8.56
CA GLU A 149 10.69 -10.40 9.36
C GLU A 149 11.88 -9.76 8.69
N ALA A 150 12.76 -10.60 8.14
CA ALA A 150 13.91 -10.08 7.45
C ALA A 150 13.51 -9.18 6.25
N LEU A 151 12.49 -9.60 5.51
CA LEU A 151 12.02 -8.80 4.36
C LEU A 151 11.43 -7.44 4.81
N LEU A 152 10.63 -7.46 5.89
CA LEU A 152 10.07 -6.21 6.42
C LEU A 152 11.19 -5.22 6.74
N LEU A 153 12.22 -5.74 7.42
CA LEU A 153 13.33 -4.86 7.85
C LEU A 153 14.08 -4.31 6.68
N GLU A 154 14.42 -5.18 5.73
CA GLU A 154 15.12 -4.72 4.55
C GLU A 154 14.32 -3.67 3.75
N VAL A 155 13.02 -3.93 3.49
CA VAL A 155 12.28 -3.01 2.67
C VAL A 155 12.07 -1.72 3.47
N SER A 156 11.78 -1.87 4.75
CA SER A 156 11.55 -0.62 5.55
C SER A 156 12.82 0.26 5.60
N ARG A 157 13.99 -0.37 5.64
CA ARG A 157 15.26 0.37 5.64
C ARG A 157 15.50 1.05 4.27
N TYR A 158 15.24 0.33 3.21
CA TYR A 158 15.30 0.88 1.87
C TYR A 158 14.36 2.12 1.70
N THR A 159 13.14 1.94 2.16
CA THR A 159 12.14 3.00 2.08
C THR A 159 12.58 4.24 2.87
N CYS A 160 12.98 4.06 4.12
CA CYS A 160 13.32 5.26 4.93
C CYS A 160 14.62 5.89 4.40
N ASP A 161 15.47 5.11 3.73
CA ASP A 161 16.70 5.62 3.17
C ASP A 161 16.45 6.58 2.00
N LEU A 162 15.35 6.34 1.27
CA LEU A 162 14.96 7.26 0.21
C LEU A 162 14.67 8.64 0.78
N ALA A 163 14.17 8.73 2.02
CA ALA A 163 14.09 10.07 2.60
C ALA A 163 15.40 10.92 2.56
N GLN A 164 16.59 10.29 2.44
CA GLN A 164 17.89 11.02 2.29
C GLN A 164 18.13 11.63 0.96
N ARG A 165 17.42 11.15 -0.02
CA ARG A 165 17.56 11.64 -1.32
C ARG A 165 16.39 12.53 -1.62
N GLY A 166 15.69 12.96 -0.58
CA GLY A 166 14.67 13.95 -0.80
C GLY A 166 13.26 13.43 -1.05
N VAL A 167 13.03 12.11 -0.91
CA VAL A 167 11.65 11.64 -1.14
C VAL A 167 10.79 11.96 0.12
N THR A 168 9.59 12.53 -0.08
CA THR A 168 8.73 12.84 1.06
C THR A 168 7.33 12.21 0.91
N LEU A 169 7.11 11.49 -0.17
CA LEU A 169 5.77 10.93 -0.42
C LEU A 169 5.99 9.60 -1.15
N PHE A 170 5.55 8.52 -0.55
CA PHE A 170 5.64 7.25 -1.22
C PHE A 170 4.26 6.80 -1.74
N GLY A 171 4.28 5.92 -2.71
CA GLY A 171 3.14 5.07 -3.09
C GLY A 171 3.62 3.62 -3.09
N VAL A 172 2.70 2.69 -2.95
CA VAL A 172 3.04 1.26 -2.97
C VAL A 172 2.20 0.50 -3.99
N GLY A 173 2.73 -0.59 -4.53
CA GLY A 173 1.94 -1.45 -5.37
C GLY A 173 2.57 -2.84 -5.37
N ALA A 174 1.90 -3.78 -6.00
CA ALA A 174 2.41 -5.11 -6.08
C ALA A 174 2.14 -5.73 -7.45
N LEU A 175 3.03 -6.62 -7.87
CA LEU A 175 2.93 -7.29 -9.11
C LEU A 175 3.29 -8.76 -8.85
N GLY A 176 2.36 -9.67 -9.12
CA GLY A 176 2.60 -11.07 -8.81
C GLY A 176 1.40 -11.89 -9.24
N MET A 177 1.54 -12.71 -10.26
CA MET A 177 0.38 -13.55 -10.66
C MET A 177 -0.14 -14.39 -9.50
N ALA A 178 -1.48 -14.42 -9.38
CA ALA A 178 -2.19 -15.07 -8.29
C ALA A 178 -2.23 -14.30 -6.97
N ASN A 179 -1.64 -13.10 -6.89
CA ASN A 179 -1.53 -12.43 -5.56
C ASN A 179 -2.86 -11.93 -4.97
N THR A 180 -3.93 -11.89 -5.75
CA THR A 180 -5.20 -11.48 -5.14
C THR A 180 -5.75 -12.62 -4.23
N THR A 181 -5.19 -13.80 -4.40
CA THR A 181 -5.55 -14.96 -3.53
C THR A 181 -5.00 -14.82 -2.08
N PRO A 182 -3.69 -14.66 -1.91
CA PRO A 182 -3.27 -14.37 -0.50
C PRO A 182 -3.86 -13.06 0.02
N ALA A 183 -4.03 -12.06 -0.85
CA ALA A 183 -4.56 -10.75 -0.37
C ALA A 183 -5.93 -11.03 0.22
N ALA A 184 -6.72 -11.85 -0.49
CA ALA A 184 -8.08 -12.17 0.04
C ALA A 184 -8.04 -13.07 1.30
N ALA A 185 -7.08 -13.99 1.36
CA ALA A 185 -6.90 -14.77 2.58
C ALA A 185 -6.62 -13.82 3.77
N MET A 186 -5.63 -12.92 3.58
CA MET A 186 -5.34 -11.97 4.67
C MET A 186 -6.51 -11.08 5.03
N VAL A 187 -7.19 -10.56 4.04
CA VAL A 187 -8.35 -9.70 4.36
C VAL A 187 -9.37 -10.50 5.19
N SER A 188 -9.66 -11.73 4.79
CA SER A 188 -10.60 -12.56 5.53
C SER A 188 -10.13 -12.78 6.99
N VAL A 189 -8.86 -13.11 7.15
CA VAL A 189 -8.30 -13.32 8.49
C VAL A 189 -8.38 -12.06 9.36
N PHE A 190 -7.89 -10.91 8.86
CA PHE A 190 -7.90 -9.72 9.72
C PHE A 190 -9.30 -9.15 10.03
N THR A 191 -10.23 -9.32 9.08
CA THR A 191 -11.53 -8.63 9.29
C THR A 191 -12.56 -9.63 9.84
N GLY A 192 -12.23 -10.91 9.86
CA GLY A 192 -13.26 -11.98 10.14
C GLY A 192 -14.36 -12.16 9.13
N SER A 193 -14.18 -11.69 7.91
CA SER A 193 -15.16 -11.95 6.88
C SER A 193 -14.87 -13.28 6.19
N ASP A 194 -15.93 -14.03 5.88
CA ASP A 194 -15.77 -15.28 5.17
C ASP A 194 -15.14 -15.01 3.80
N ALA A 195 -14.33 -15.94 3.32
CA ALA A 195 -13.69 -15.84 2.01
C ALA A 195 -14.62 -15.41 0.93
N LYS A 196 -15.86 -15.94 0.91
CA LYS A 196 -16.78 -15.70 -0.20
C LYS A 196 -17.06 -14.21 -0.35
N GLU A 197 -17.00 -13.49 0.75
CA GLU A 197 -17.24 -12.04 0.74
C GLU A 197 -16.08 -11.19 0.25
N VAL A 198 -14.88 -11.75 0.17
CA VAL A 198 -13.68 -10.90 -0.11
C VAL A 198 -12.83 -11.42 -1.26
N VAL A 199 -13.21 -12.56 -1.84
CA VAL A 199 -12.56 -13.11 -3.02
C VAL A 199 -13.09 -12.50 -4.33
N GLY A 200 -12.20 -11.86 -5.11
CA GLY A 200 -12.63 -11.20 -6.35
C GLY A 200 -12.13 -11.91 -7.60
N ILE A 201 -12.44 -11.34 -8.78
CA ILE A 201 -12.01 -11.90 -10.09
C ILE A 201 -10.54 -11.62 -10.42
N GLY A 202 -9.88 -10.76 -9.61
CA GLY A 202 -8.44 -10.37 -9.87
C GLY A 202 -8.27 -9.99 -11.34
N ALA A 203 -7.31 -10.63 -12.03
CA ALA A 203 -7.04 -10.35 -13.45
C ALA A 203 -8.00 -11.17 -14.34
N ASN A 204 -9.28 -10.80 -14.33
CA ASN A 204 -10.28 -11.34 -15.27
C ASN A 204 -10.49 -12.86 -15.12
N LEU A 205 -10.47 -13.36 -13.89
CA LEU A 205 -10.71 -14.80 -13.72
C LEU A 205 -12.16 -15.08 -14.17
N PRO A 206 -12.40 -16.14 -14.99
CA PRO A 206 -13.78 -16.40 -15.41
C PRO A 206 -14.70 -16.64 -14.23
N PRO A 207 -15.96 -16.17 -14.34
CA PRO A 207 -16.95 -16.36 -13.30
C PRO A 207 -16.95 -17.82 -12.73
N SER A 208 -16.70 -18.81 -13.59
CA SER A 208 -16.86 -20.20 -13.20
C SER A 208 -15.73 -20.76 -12.29
N ARG A 209 -14.68 -19.98 -12.12
CA ARG A 209 -13.54 -20.43 -11.34
C ARG A 209 -13.49 -19.75 -9.97
N ILE A 210 -14.52 -18.94 -9.70
CA ILE A 210 -14.56 -18.23 -8.46
C ILE A 210 -14.73 -19.20 -7.30
N ASP A 211 -15.53 -20.28 -7.45
CA ASP A 211 -15.72 -21.21 -6.34
C ASP A 211 -14.39 -21.85 -5.91
N ASN A 212 -13.61 -22.25 -6.90
CA ASN A 212 -12.32 -22.82 -6.65
C ASN A 212 -11.46 -21.84 -5.86
N LYS A 213 -11.48 -20.57 -6.28
CA LYS A 213 -10.63 -19.61 -5.58
C LYS A 213 -11.12 -19.37 -4.15
N VAL A 214 -12.44 -19.31 -3.93
CA VAL A 214 -12.98 -19.26 -2.57
C VAL A 214 -12.50 -20.49 -1.80
N ASP A 215 -12.60 -21.67 -2.40
CA ASP A 215 -12.18 -22.88 -1.66
CA ASP A 215 -12.18 -22.91 -1.72
C ASP A 215 -10.70 -22.88 -1.29
N VAL A 216 -9.87 -22.36 -2.19
CA VAL A 216 -8.41 -22.33 -1.99
C VAL A 216 -8.11 -21.37 -0.84
N VAL A 217 -8.77 -20.20 -0.82
CA VAL A 217 -8.60 -19.27 0.35
C VAL A 217 -8.95 -19.92 1.70
N ARG A 218 -10.10 -20.59 1.73
CA ARG A 218 -10.53 -21.26 2.94
C ARG A 218 -9.53 -22.36 3.34
N ARG A 219 -9.01 -23.06 2.36
CA ARG A 219 -8.05 -24.15 2.65
C ARG A 219 -6.75 -23.59 3.24
N ALA A 220 -6.35 -22.46 2.67
CA ALA A 220 -5.12 -21.83 3.12
C ALA A 220 -5.28 -21.44 4.56
N ILE A 221 -6.45 -20.86 4.91
CA ILE A 221 -6.66 -20.44 6.29
C ILE A 221 -6.76 -21.64 7.23
N ALA A 222 -7.52 -22.63 6.79
CA ALA A 222 -7.71 -23.86 7.58
C ALA A 222 -6.37 -24.51 7.89
N ILE A 223 -5.55 -24.71 6.87
CA ILE A 223 -4.29 -25.46 7.06
C ILE A 223 -3.29 -24.65 7.85
N ASN A 224 -3.19 -23.34 7.61
CA ASN A 224 -2.13 -22.54 8.26
C ASN A 224 -2.47 -22.01 9.62
N GLN A 225 -3.74 -21.78 9.83
CA GLN A 225 -4.24 -21.30 11.14
C GLN A 225 -3.52 -20.04 11.52
N PRO A 226 -3.53 -19.05 10.60
CA PRO A 226 -2.89 -17.78 10.97
C PRO A 226 -3.58 -17.09 12.18
N ASN A 227 -2.78 -16.46 13.04
CA ASN A 227 -3.28 -15.72 14.19
C ASN A 227 -3.54 -14.24 13.74
N PRO A 228 -4.81 -13.82 13.68
CA PRO A 228 -5.29 -12.48 13.34
C PRO A 228 -4.69 -11.36 14.21
N ARG A 229 -4.21 -11.69 15.39
CA ARG A 229 -3.57 -10.71 16.29
C ARG A 229 -2.06 -10.65 16.14
N ASP A 230 -1.52 -11.33 15.14
CA ASP A 230 -0.08 -11.29 14.93
C ASP A 230 0.06 -11.11 13.41
N GLY A 231 0.19 -9.86 12.93
CA GLY A 231 0.12 -9.64 11.47
C GLY A 231 1.30 -10.25 10.73
N ILE A 232 2.44 -10.42 11.40
CA ILE A 232 3.63 -11.08 10.82
C ILE A 232 3.30 -12.57 10.65
N ASP A 233 2.68 -13.19 11.66
CA ASP A 233 2.17 -14.58 11.48
C ASP A 233 1.25 -14.67 10.24
N VAL A 234 0.30 -13.75 10.09
CA VAL A 234 -0.66 -13.84 8.99
C VAL A 234 0.10 -13.68 7.68
N LEU A 235 0.96 -12.66 7.61
CA LEU A 235 1.77 -12.50 6.38
C LEU A 235 2.59 -13.72 6.02
N SER A 236 3.31 -14.28 6.98
CA SER A 236 4.20 -15.38 6.65
C SER A 236 3.39 -16.64 6.23
N LYS A 237 2.20 -16.82 6.79
CA LYS A 237 1.45 -18.06 6.56
C LYS A 237 0.55 -18.04 5.32
N VAL A 238 -0.24 -16.96 5.16
CA VAL A 238 -1.15 -16.85 4.05
C VAL A 238 -0.95 -15.62 3.20
N GLY A 239 0.17 -14.88 3.36
CA GLY A 239 0.38 -13.74 2.44
C GLY A 239 1.36 -14.20 1.31
N GLY A 240 2.25 -13.30 0.93
CA GLY A 240 3.25 -13.55 -0.16
C GLY A 240 4.36 -12.52 0.03
N PHE A 241 5.47 -12.70 -0.71
CA PHE A 241 6.61 -11.79 -0.54
C PHE A 241 6.23 -10.36 -0.95
N ASP A 242 5.50 -10.23 -2.04
CA ASP A 242 5.03 -8.88 -2.49
C ASP A 242 4.14 -8.20 -1.45
N LEU A 243 3.18 -8.92 -0.86
CA LEU A 243 2.43 -8.31 0.25
C LEU A 243 3.28 -7.91 1.45
N VAL A 244 4.21 -8.77 1.85
CA VAL A 244 5.13 -8.43 2.96
C VAL A 244 5.92 -7.21 2.55
N GLY A 245 6.36 -7.21 1.29
CA GLY A 245 7.12 -6.04 0.76
C GLY A 245 6.37 -4.70 0.91
N MET A 246 5.10 -4.67 0.50
CA MET A 246 4.25 -3.49 0.70
C MET A 246 4.07 -3.09 2.19
N THR A 247 3.86 -4.09 3.03
CA THR A 247 3.82 -3.81 4.47
C THR A 247 5.11 -3.16 4.95
N GLY A 248 6.26 -3.63 4.44
CA GLY A 248 7.56 -3.07 4.78
C GLY A 248 7.68 -1.61 4.35
N VAL A 249 7.08 -1.26 3.21
CA VAL A 249 7.19 0.15 2.74
C VAL A 249 6.39 0.99 3.76
N MET A 250 5.23 0.47 4.18
CA MET A 250 4.41 1.23 5.15
C MET A 250 5.06 1.38 6.51
N LEU A 251 5.73 0.32 6.97
CA LEU A 251 6.51 0.42 8.24
C LEU A 251 7.62 1.41 8.10
N GLY A 252 8.36 1.32 6.98
CA GLY A 252 9.41 2.31 6.79
C GLY A 252 9.03 3.77 6.64
N ALA A 253 7.98 4.03 5.87
CA ALA A 253 7.46 5.40 5.71
C ALA A 253 7.03 5.89 7.07
N ALA A 254 6.36 5.02 7.84
CA ALA A 254 5.89 5.46 9.14
C ALA A 254 7.07 5.76 10.07
N ARG A 255 8.06 4.87 10.07
CA ARG A 255 9.20 5.07 10.92
C ARG A 255 9.88 6.43 10.56
N CYS A 256 9.83 6.79 9.29
CA CYS A 256 10.44 8.00 8.76
C CYS A 256 9.49 9.20 8.95
N GLY A 257 8.28 8.97 9.48
CA GLY A 257 7.34 10.05 9.74
C GLY A 257 6.83 10.63 8.43
N LEU A 258 6.66 9.77 7.43
CA LEU A 258 6.31 10.23 6.06
C LEU A 258 5.07 9.54 5.52
N PRO A 259 4.31 10.21 4.63
CA PRO A 259 3.08 9.68 4.02
C PRO A 259 3.30 8.57 3.02
N VAL A 260 2.41 7.61 3.01
CA VAL A 260 2.40 6.60 1.96
C VAL A 260 0.96 6.43 1.42
N LEU A 261 0.83 6.52 0.08
CA LEU A 261 -0.43 6.36 -0.65
C LEU A 261 -0.59 4.85 -0.90
N LEU A 262 -1.72 4.33 -0.45
CA LEU A 262 -2.15 3.00 -0.87
C LEU A 262 -2.56 3.00 -2.38
N ASP A 263 -2.75 1.78 -2.91
CA ASP A 263 -3.21 1.60 -4.27
C ASP A 263 -4.56 0.90 -4.15
N GLY A 264 -4.64 -0.37 -4.47
CA GLY A 264 -5.92 -1.11 -4.35
C GLY A 264 -5.90 -2.23 -3.35
N PHE A 265 -6.64 -3.29 -3.69
CA PHE A 265 -6.98 -4.36 -2.71
C PHE A 265 -5.73 -5.07 -2.18
N LEU A 266 -4.75 -5.31 -3.06
CA LEU A 266 -3.49 -5.95 -2.66
C LEU A 266 -2.86 -5.09 -1.55
N SER A 267 -2.80 -3.77 -1.79
CA SER A 267 -2.19 -2.86 -0.84
C SER A 267 -3.08 -2.76 0.41
N TYR A 268 -4.41 -2.93 0.29
CA TYR A 268 -5.23 -2.77 1.53
C TYR A 268 -4.90 -3.96 2.44
N SER A 269 -4.70 -5.13 1.83
CA SER A 269 -4.37 -6.31 2.63
C SER A 269 -3.06 -6.07 3.41
N ALA A 270 -2.05 -5.48 2.73
CA ALA A 270 -0.77 -5.18 3.35
C ALA A 270 -0.96 -4.14 4.45
N ALA A 271 -1.80 -3.16 4.16
CA ALA A 271 -2.09 -2.11 5.15
C ALA A 271 -2.78 -2.67 6.37
N LEU A 272 -3.68 -3.64 6.15
CA LEU A 272 -4.23 -4.29 7.37
C LEU A 272 -3.18 -4.95 8.27
N ALA A 273 -2.26 -5.68 7.64
CA ALA A 273 -1.15 -6.27 8.37
C ALA A 273 -0.32 -5.18 9.05
N ALA A 274 0.08 -4.17 8.29
CA ALA A 274 0.94 -3.09 8.89
C ALA A 274 0.31 -2.52 10.15
N CYS A 275 -0.97 -2.20 10.05
CA CYS A 275 -1.67 -1.56 11.19
C CYS A 275 -1.91 -2.48 12.36
N GLN A 276 -2.01 -3.78 12.10
CA GLN A 276 -2.09 -4.76 13.21
C GLN A 276 -0.71 -4.85 13.92
N ILE A 277 0.35 -4.91 13.13
CA ILE A 277 1.73 -5.05 13.66
C ILE A 277 2.10 -3.81 14.47
N ALA A 278 1.71 -2.64 13.94
CA ALA A 278 2.08 -1.36 14.58
C ALA A 278 0.96 -0.38 14.32
N PRO A 279 0.02 -0.24 15.28
CA PRO A 279 -1.08 0.73 15.00
C PRO A 279 -0.60 2.14 14.74
N ALA A 280 0.60 2.47 15.20
CA ALA A 280 1.13 3.83 14.94
C ALA A 280 1.40 4.10 13.44
N VAL A 281 1.34 3.07 12.59
CA VAL A 281 1.42 3.25 11.11
C VAL A 281 0.24 4.03 10.53
N ARG A 282 -0.92 3.88 11.17
CA ARG A 282 -2.17 4.29 10.54
C ARG A 282 -2.21 5.76 10.12
N PRO A 283 -1.72 6.67 10.96
CA PRO A 283 -1.81 8.09 10.56
C PRO A 283 -0.94 8.50 9.35
N TYR A 284 -0.02 7.64 8.95
CA TYR A 284 0.80 7.90 7.77
C TYR A 284 0.16 7.41 6.47
N LEU A 285 -0.92 6.60 6.57
CA LEU A 285 -1.48 5.98 5.36
C LEU A 285 -2.53 6.90 4.70
N ILE A 286 -2.48 7.02 3.37
CA ILE A 286 -3.39 7.90 2.65
C ILE A 286 -4.00 6.99 1.59
N PRO A 287 -5.34 6.93 1.50
CA PRO A 287 -5.88 6.12 0.46
C PRO A 287 -5.77 6.80 -0.88
N SER A 288 -5.84 6.07 -2.00
CA SER A 288 -5.90 6.70 -3.24
C SER A 288 -7.27 6.48 -3.84
N HIS A 289 -7.52 5.28 -4.28
CA HIS A 289 -8.73 4.93 -4.99
C HIS A 289 -9.46 3.75 -4.32
N PHE A 290 -10.71 3.57 -4.74
CA PHE A 290 -11.57 2.51 -4.22
C PHE A 290 -11.57 1.41 -5.27
N SER A 291 -10.79 0.37 -5.00
CA SER A 291 -10.56 -0.72 -5.94
C SER A 291 -11.89 -1.41 -6.32
N ALA A 292 -11.96 -1.84 -7.57
CA ALA A 292 -13.08 -2.64 -8.10
C ALA A 292 -13.18 -4.05 -7.52
N GLU A 293 -12.17 -4.53 -6.83
CA GLU A 293 -12.16 -5.90 -6.31
C GLU A 293 -13.29 -6.07 -5.31
N LYS A 294 -13.87 -7.27 -5.27
CA LYS A 294 -14.95 -7.55 -4.39
C LYS A 294 -14.71 -7.18 -2.93
N GLY A 295 -13.55 -7.55 -2.40
CA GLY A 295 -13.33 -7.32 -0.98
C GLY A 295 -12.85 -5.90 -0.60
N ALA A 296 -12.85 -4.98 -1.55
CA ALA A 296 -12.35 -3.63 -1.30
C ALA A 296 -13.13 -2.94 -0.18
N ARG A 297 -14.47 -2.94 -0.28
CA ARG A 297 -15.25 -2.25 0.75
C ARG A 297 -14.96 -2.72 2.17
N ILE A 298 -14.88 -4.02 2.35
CA ILE A 298 -14.67 -4.62 3.68
C ILE A 298 -13.30 -4.26 4.18
N ALA A 299 -12.30 -4.39 3.31
CA ALA A 299 -10.93 -3.99 3.75
C ALA A 299 -10.84 -2.51 4.17
N LEU A 300 -11.38 -1.63 3.37
CA LEU A 300 -11.31 -0.19 3.65
C LEU A 300 -12.13 0.18 4.92
N ALA A 301 -13.23 -0.53 5.16
CA ALA A 301 -14.01 -0.27 6.38
C ALA A 301 -13.21 -0.63 7.59
N HIS A 302 -12.43 -1.72 7.53
CA HIS A 302 -11.69 -2.09 8.69
CA HIS A 302 -11.60 -2.15 8.67
C HIS A 302 -10.52 -1.13 8.95
N LEU A 303 -10.05 -0.50 7.89
CA LEU A 303 -9.05 0.62 8.00
C LEU A 303 -9.67 1.98 8.30
N SER A 304 -11.02 2.05 8.39
CA SER A 304 -11.78 3.33 8.44
C SER A 304 -11.21 4.31 7.45
N MET A 305 -11.14 3.86 6.21
CA MET A 305 -10.61 4.64 5.13
C MET A 305 -11.62 4.91 4.05
N GLU A 306 -11.64 6.12 3.53
CA GLU A 306 -12.53 6.47 2.42
C GLU A 306 -11.68 7.02 1.29
N PRO A 307 -11.47 6.21 0.24
CA PRO A 307 -10.60 6.73 -0.87
C PRO A 307 -11.08 8.00 -1.54
N TYR A 308 -10.13 8.77 -2.06
CA TYR A 308 -10.47 9.97 -2.85
C TYR A 308 -11.04 9.68 -4.23
N LEU A 309 -10.58 8.60 -4.84
CA LEU A 309 -10.82 8.37 -6.28
C LEU A 309 -11.68 7.12 -6.49
N HIS A 310 -12.72 7.27 -7.31
CA HIS A 310 -13.58 6.18 -7.64
C HIS A 310 -13.40 5.87 -9.13
N MET A 311 -12.43 5.03 -9.45
CA MET A 311 -12.00 4.87 -10.86
C MET A 311 -12.28 3.46 -11.34
N ALA A 312 -12.99 2.63 -10.55
CA ALA A 312 -13.23 1.20 -10.87
C ALA A 312 -11.96 0.47 -11.36
N MET A 313 -10.85 0.82 -10.74
CA MET A 313 -9.57 0.34 -11.19
C MET A 313 -9.24 -0.95 -10.43
N ARG A 314 -8.45 -1.81 -11.05
CA ARG A 314 -7.98 -3.01 -10.37
C ARG A 314 -6.64 -3.44 -10.97
N LEU A 315 -5.87 -2.53 -11.52
CA LEU A 315 -4.47 -2.89 -11.93
C LEU A 315 -3.54 -3.25 -10.76
N GLY A 316 -3.45 -2.39 -9.73
CA GLY A 316 -2.85 -2.82 -8.42
C GLY A 316 -1.35 -2.72 -8.14
N GLU A 317 -0.61 -2.42 -9.25
CA GLU A 317 0.81 -2.31 -9.20
C GLU A 317 1.30 -0.90 -8.93
N GLY A 318 0.44 -0.08 -8.34
CA GLY A 318 0.89 1.22 -7.90
C GLY A 318 0.26 2.34 -8.68
N SER A 319 -0.37 2.02 -9.81
CA SER A 319 -0.91 3.02 -10.72
C SER A 319 -1.96 3.90 -9.98
N GLY A 320 -2.75 3.30 -9.06
CA GLY A 320 -3.72 4.10 -8.25
C GLY A 320 -3.02 5.11 -7.31
N ALA A 321 -1.94 4.65 -6.69
CA ALA A 321 -1.18 5.49 -5.78
C ALA A 321 -0.64 6.66 -6.56
N ALA A 322 -0.09 6.38 -7.73
CA ALA A 322 0.52 7.45 -8.58
C ALA A 322 -0.60 8.46 -8.96
N LEU A 323 -1.77 7.93 -9.25
CA LEU A 323 -2.87 8.79 -9.72
C LEU A 323 -3.30 9.80 -8.64
N ALA A 324 -3.12 9.43 -7.37
CA ALA A 324 -3.52 10.34 -6.26
C ALA A 324 -2.42 11.32 -5.81
N MET A 325 -1.19 11.18 -6.33
CA MET A 325 -0.14 12.09 -5.91
C MET A 325 -0.47 13.56 -6.19
N PRO A 326 -1.14 13.85 -7.31
CA PRO A 326 -1.54 15.24 -7.55
C PRO A 326 -2.52 15.77 -6.52
N ILE A 327 -3.28 14.90 -5.88
CA ILE A 327 -4.28 15.36 -4.91
C ILE A 327 -3.51 15.80 -3.64
N VAL A 328 -2.50 15.00 -3.27
CA VAL A 328 -1.69 15.38 -2.12
C VAL A 328 -1.02 16.72 -2.44
N GLU A 329 -0.45 16.84 -3.62
CA GLU A 329 0.18 18.11 -4.00
C GLU A 329 -0.83 19.28 -3.99
N ALA A 330 -2.06 19.03 -4.41
CA ALA A 330 -3.12 20.02 -4.41
C ALA A 330 -3.44 20.51 -3.00
N ALA A 331 -3.44 19.61 -2.00
CA ALA A 331 -3.65 20.00 -0.60
C ALA A 331 -2.54 20.95 -0.09
N CYS A 332 -1.31 20.66 -0.49
CA CYS A 332 -0.16 21.52 -0.11
C CYS A 332 -0.25 22.86 -0.82
N ALA A 333 -0.65 22.87 -2.09
CA ALA A 333 -0.74 24.12 -2.84
C ALA A 333 -1.80 25.03 -2.22
N MET A 334 -2.97 24.46 -1.96
CA MET A 334 -4.07 25.18 -1.28
C MET A 334 -3.51 25.82 -0.03
N PHE A 335 -2.85 25.00 0.82
CA PHE A 335 -2.30 25.45 2.11
C PHE A 335 -1.31 26.63 2.00
N HIS A 336 -0.36 26.50 1.09
CA HIS A 336 0.71 27.47 0.96
C HIS A 336 0.40 28.65 0.09
N ASN A 337 -0.45 28.47 -0.91
CA ASN A 337 -0.62 29.47 -1.98
C ASN A 337 -1.93 30.31 -1.86
N MET A 338 -2.90 29.86 -1.10
CA MET A 338 -4.12 30.67 -0.96
C MET A 338 -3.87 31.93 -0.17
N GLY A 339 -4.53 33.01 -0.58
CA GLY A 339 -4.61 34.21 0.30
C GLY A 339 -5.44 34.04 1.56
N GLU A 340 -5.47 35.08 2.39
CA GLU A 340 -6.19 34.98 3.65
C GLU A 340 -7.33 35.94 3.77
N LEU A 341 -8.37 35.52 4.49
CA LEU A 341 -9.65 36.27 4.60
C LEU A 341 -9.41 37.62 5.14
N ALA A 342 -8.49 37.66 6.13
CA ALA A 342 -8.28 38.86 6.94
C ALA A 342 -7.67 39.95 6.07
N ALA A 343 -6.80 39.51 5.15
CA ALA A 343 -6.16 40.41 4.18
C ALA A 343 -7.14 41.07 3.21
N SER A 344 -8.32 40.45 3.01
CA SER A 344 -9.39 41.02 2.17
C SER A 344 -10.50 41.67 3.00
N ASN A 345 -10.31 41.74 4.32
CA ASN A 345 -11.26 42.37 5.22
C ASN A 345 -12.58 41.61 5.37
N ILE A 346 -12.61 40.38 4.88
CA ILE A 346 -13.83 39.56 4.88
C ILE A 346 -14.01 38.81 6.20
N VAL A 347 -15.12 39.05 6.89
CA VAL A 347 -15.55 38.23 8.02
C VAL A 347 -16.82 37.50 7.58
N LEU A 348 -16.84 36.17 7.78
CA LEU A 348 -17.96 35.28 7.40
C LEU A 348 -18.75 34.81 8.61
#